data_3NUF
#
_entry.id   3NUF
#
_cell.length_a   67.160
_cell.length_b   67.160
_cell.length_c   99.733
_cell.angle_alpha   90.000
_cell.angle_beta   90.000
_cell.angle_gamma   90.000
#
_symmetry.space_group_name_H-M   'P 43 21 2'
#
loop_
_entity.id
_entity.type
_entity.pdbx_description
1 polymer 'PRD-containing transcription regulator'
2 non-polymer 1,2-ETHANEDIOL
3 non-polymer DI(HYDROXYETHYL)ETHER
4 non-polymer 'SULFATE ION'
5 non-polymer 'TETRAETHYLENE GLYCOL'
6 water water
#
_entity_poly.entity_id   1
_entity_poly.type   'polypeptide(L)'
_entity_poly.pdbx_seq_one_letter_code
;G(MSE)TPLDANVELPTEVKA(MSE)IEQSSDAQAATALVNYVIKLAAAAEIHFTDLQLQVLTNHLIE(MSE)LGRSKSG
EQLPAVDPT(MSE)FAEVSQKSLDLADQVVQHIGHLEVAEKYVLSIHFEAAQDKI
;
_entity_poly.pdbx_strand_id   A,B
#
# COMPACT_ATOMS: atom_id res chain seq x y z
N THR A 3 15.51 -10.13 18.59
CA THR A 3 15.41 -9.19 19.67
C THR A 3 15.81 -7.80 19.13
N PRO A 4 14.96 -6.77 19.35
CA PRO A 4 15.35 -5.45 18.90
C PRO A 4 16.57 -4.98 19.69
N LEU A 5 17.37 -4.11 19.10
CA LEU A 5 18.47 -3.47 19.81
C LEU A 5 17.96 -2.59 20.95
N ASP A 6 18.78 -2.42 21.98
CA ASP A 6 18.55 -1.37 22.98
C ASP A 6 19.09 -0.06 22.42
N ALA A 7 18.30 1.00 22.52
CA ALA A 7 18.71 2.31 21.97
C ALA A 7 17.76 3.44 22.36
N ASN A 8 18.31 4.66 22.50
CA ASN A 8 17.49 5.87 22.59
C ASN A 8 17.19 6.28 21.16
N VAL A 9 15.92 6.46 20.82
CA VAL A 9 15.59 6.85 19.46
C VAL A 9 15.10 8.29 19.43
N GLU A 10 15.72 9.09 18.55
N GLU A 10 15.79 9.14 18.67
CA GLU A 10 15.32 10.48 18.35
CA GLU A 10 15.27 10.47 18.37
C GLU A 10 14.76 10.67 16.94
C GLU A 10 14.71 10.41 16.96
N LEU A 11 13.44 10.78 16.85
CA LEU A 11 12.75 10.76 15.58
C LEU A 11 12.82 12.10 14.87
N PRO A 12 12.80 12.09 13.54
CA PRO A 12 12.78 13.36 12.80
C PRO A 12 11.52 14.14 13.04
N THR A 13 11.61 15.46 12.88
CA THR A 13 10.48 16.33 13.04
C THR A 13 9.19 15.87 12.36
N GLU A 14 9.32 15.46 11.09
CA GLU A 14 8.15 15.04 10.32
C GLU A 14 7.51 13.79 10.88
N VAL A 15 8.33 12.86 11.34
CA VAL A 15 7.81 11.66 12.00
C VAL A 15 7.10 11.97 13.31
N LYS A 16 7.68 12.84 14.16
CA LYS A 16 7.03 13.26 15.38
C LYS A 16 5.69 13.95 15.09
N ALA A 17 5.63 14.74 14.02
CA ALA A 17 4.40 15.40 13.57
C ALA A 17 3.31 14.40 13.23
N ILE A 19 3.08 11.34 14.28
CA ILE A 19 2.72 10.68 15.52
C ILE A 19 1.77 11.52 16.37
N GLU A 20 2.14 12.80 16.55
N GLU A 20 2.02 12.82 16.48
CA GLU A 20 1.40 13.74 17.39
CA GLU A 20 1.11 13.65 17.28
C GLU A 20 -0.04 13.85 16.92
C GLU A 20 -0.24 13.85 16.56
N GLN A 21 -0.25 13.74 15.62
N GLN A 21 -0.30 13.64 15.24
CA GLN A 21 -1.57 13.84 15.01
CA GLN A 21 -1.56 13.67 14.52
C GLN A 21 -2.41 12.55 15.07
C GLN A 21 -2.35 12.39 14.65
N SER A 22 -1.77 11.40 15.30
CA SER A 22 -2.44 10.10 15.46
C SER A 22 -3.30 10.14 16.72
N SER A 23 -4.10 9.11 16.86
CA SER A 23 -4.99 9.04 18.00
C SER A 23 -4.35 8.40 19.24
N ASP A 24 -3.06 8.09 19.16
N ASP A 24 -3.11 7.91 19.10
CA ASP A 24 -2.35 7.63 20.35
CA ASP A 24 -2.43 7.15 20.20
C ASP A 24 -0.87 7.76 20.12
C ASP A 24 -0.93 7.40 20.12
N ALA A 25 -0.35 8.91 20.50
N ALA A 25 -0.54 8.62 20.47
CA ALA A 25 1.07 9.16 20.36
CA ALA A 25 0.86 9.09 20.39
C ALA A 25 1.91 8.20 21.18
C ALA A 25 1.89 8.32 21.23
N GLN A 26 1.45 7.77 22.35
CA GLN A 26 2.28 6.87 23.14
C GLN A 26 2.54 5.63 22.32
N ALA A 27 1.47 4.97 21.85
CA ALA A 27 1.61 3.70 21.21
C ALA A 27 2.27 3.82 19.86
N ALA A 28 2.02 4.91 19.17
CA ALA A 28 2.66 5.12 17.87
C ALA A 28 4.16 5.35 18.02
N THR A 29 4.55 6.13 19.03
CA THR A 29 5.96 6.35 19.32
C THR A 29 6.65 5.04 19.68
N ALA A 30 6.02 4.27 20.58
CA ALA A 30 6.56 2.98 20.99
C ALA A 30 6.76 2.04 19.80
N LEU A 31 5.77 2.05 18.91
CA LEU A 31 5.83 1.14 17.74
C LEU A 31 6.95 1.56 16.75
N VAL A 32 7.01 2.84 16.39
CA VAL A 32 8.09 3.30 15.53
C VAL A 32 9.45 3.00 16.15
N ASN A 33 9.63 3.31 17.43
CA ASN A 33 10.87 2.99 18.09
C ASN A 33 11.21 1.50 18.00
N TYR A 34 10.18 0.64 18.27
CA TYR A 34 10.36 -0.82 18.21
C TYR A 34 10.83 -1.26 16.83
N VAL A 35 10.19 -0.75 15.79
CA VAL A 35 10.55 -1.15 14.42
C VAL A 35 11.98 -0.70 14.05
N ILE A 36 12.34 0.52 14.43
CA ILE A 36 13.69 1.04 14.17
C ILE A 36 14.72 0.12 14.85
N LYS A 37 14.49 -0.21 16.10
CA LYS A 37 15.41 -1.09 16.85
C LYS A 37 15.47 -2.52 16.35
N LEU A 38 14.32 -3.06 15.95
CA LEU A 38 14.27 -4.39 15.41
C LEU A 38 15.05 -4.43 14.08
N ALA A 39 14.81 -3.46 13.22
CA ALA A 39 15.50 -3.38 11.93
C ALA A 39 17.00 -3.21 12.15
N ALA A 40 17.39 -2.38 13.10
CA ALA A 40 18.82 -2.15 13.40
C ALA A 40 19.49 -3.44 13.88
N ALA A 41 18.79 -4.25 14.67
CA ALA A 41 19.35 -5.58 15.07
C ALA A 41 19.61 -6.45 13.83
N ALA A 42 18.79 -6.36 12.81
CA ALA A 42 18.94 -7.03 11.53
C ALA A 42 19.83 -6.32 10.51
N GLU A 43 20.51 -5.27 10.95
CA GLU A 43 21.40 -4.46 10.14
C GLU A 43 20.72 -3.75 8.98
N ILE A 44 19.50 -3.30 9.26
CA ILE A 44 18.71 -2.52 8.33
C ILE A 44 18.46 -1.15 8.93
N HIS A 45 18.72 -0.14 8.12
CA HIS A 45 18.53 1.22 8.51
C HIS A 45 17.69 1.94 7.50
N PHE A 46 16.90 2.86 8.02
CA PHE A 46 15.99 3.69 7.20
C PHE A 46 16.57 5.09 7.07
N THR A 47 16.53 5.64 5.87
CA THR A 47 16.72 7.06 5.74
C THR A 47 15.56 7.82 6.39
N ASP A 48 15.75 9.12 6.69
CA ASP A 48 14.67 9.85 7.29
C ASP A 48 13.43 9.90 6.39
N LEU A 49 13.59 9.95 5.08
CA LEU A 49 12.43 9.87 4.17
C LEU A 49 11.75 8.49 4.25
N GLN A 50 12.56 7.44 4.24
CA GLN A 50 11.98 6.11 4.39
C GLN A 50 11.26 5.97 5.73
N LEU A 51 11.83 6.57 6.75
N LEU A 51 11.77 6.59 6.80
CA LEU A 51 11.25 6.49 8.04
CA LEU A 51 11.08 6.55 8.11
C LEU A 51 9.87 7.20 8.09
C LEU A 51 9.74 7.21 8.07
N GLN A 52 9.69 8.31 7.36
CA GLN A 52 8.40 8.97 7.22
C GLN A 52 7.34 8.07 6.60
N VAL A 53 7.68 7.44 5.49
CA VAL A 53 6.80 6.54 4.79
C VAL A 53 6.46 5.32 5.65
N LEU A 54 7.44 4.80 6.32
CA LEU A 54 7.24 3.69 7.28
C LEU A 54 6.29 4.04 8.39
N THR A 55 6.51 5.22 8.98
CA THR A 55 5.69 5.69 10.09
C THR A 55 4.25 5.80 9.68
N ASN A 56 3.98 6.36 8.50
CA ASN A 56 2.62 6.50 8.04
C ASN A 56 1.94 5.12 8.00
N HIS A 57 2.66 4.15 7.49
CA HIS A 57 2.09 2.81 7.36
C HIS A 57 1.91 2.15 8.73
N LEU A 58 2.89 2.32 9.60
CA LEU A 58 2.78 1.77 10.96
C LEU A 58 1.59 2.36 11.72
N ILE A 59 1.38 3.66 11.60
CA ILE A 59 0.21 4.29 12.20
C ILE A 59 -1.10 3.73 11.66
N GLU A 60 -1.15 3.51 10.36
N GLU A 60 -1.21 3.50 10.35
CA GLU A 60 -2.32 2.90 9.75
CA GLU A 60 -2.42 2.87 9.81
C GLU A 60 -2.58 1.48 10.29
C GLU A 60 -2.61 1.45 10.32
N LEU A 62 -1.48 0.19 13.23
CA LEU A 62 -1.89 0.35 14.60
C LEU A 62 -3.34 0.73 14.68
N GLY A 63 -3.75 1.65 13.82
CA GLY A 63 -5.15 2.03 13.78
C GLY A 63 -6.07 0.87 13.51
N ARG A 64 -5.71 0.03 12.55
CA ARG A 64 -6.53 -1.14 12.19
C ARG A 64 -6.55 -2.17 13.28
N SER A 65 -5.43 -2.33 14.01
CA SER A 65 -5.37 -3.23 15.15
C SER A 65 -6.37 -2.88 16.21
N LYS A 66 -6.68 -1.60 16.32
CA LYS A 66 -7.67 -1.10 17.30
C LYS A 66 -9.08 -1.05 16.76
N SER A 67 -9.25 -0.64 15.50
CA SER A 67 -10.60 -0.41 14.97
C SER A 67 -11.26 -1.65 14.49
N GLY A 68 -10.47 -2.65 14.08
CA GLY A 68 -10.99 -3.82 13.41
C GLY A 68 -11.27 -3.68 11.95
N GLU A 69 -10.91 -2.55 11.36
N GLU A 69 -10.89 -2.55 11.37
CA GLU A 69 -11.09 -2.34 9.91
CA GLU A 69 -10.98 -2.35 9.91
C GLU A 69 -10.28 -3.40 9.13
C GLU A 69 -10.32 -3.54 9.18
N GLN A 70 -10.85 -3.85 8.01
CA GLN A 70 -10.38 -5.01 7.29
C GLN A 70 -8.98 -4.81 6.73
N LEU A 71 -8.22 -5.89 6.74
CA LEU A 71 -6.97 -5.96 6.00
C LEU A 71 -7.15 -5.40 4.55
N PRO A 72 -6.35 -4.44 4.10
CA PRO A 72 -6.42 -4.02 2.67
C PRO A 72 -6.15 -5.21 1.75
N ALA A 73 -7.00 -5.38 0.73
CA ALA A 73 -6.90 -6.53 -0.12
C ALA A 73 -5.48 -6.69 -0.61
N VAL A 74 -4.99 -7.92 -0.62
CA VAL A 74 -3.59 -8.20 -1.00
C VAL A 74 -3.51 -9.56 -1.71
N ASP A 75 -2.63 -9.66 -2.68
CA ASP A 75 -2.39 -10.90 -3.41
C ASP A 75 -0.96 -11.39 -3.05
N PRO A 76 -0.87 -12.36 -2.15
CA PRO A 76 0.45 -12.80 -1.67
C PRO A 76 1.41 -13.22 -2.76
N THR A 77 0.92 -13.70 -3.91
CA THR A 77 1.82 -14.12 -4.97
C THR A 77 2.64 -12.99 -5.49
N PHE A 79 4.30 -11.08 -3.86
CA PHE A 79 5.44 -10.87 -2.94
C PHE A 79 6.38 -12.05 -2.93
N ALA A 80 6.25 -12.93 -3.93
CA ALA A 80 7.03 -14.16 -4.01
C ALA A 80 8.51 -13.88 -3.98
N GLU A 81 8.98 -12.81 -4.56
CA GLU A 81 10.41 -12.53 -4.60
C GLU A 81 10.95 -11.55 -3.56
N VAL A 82 10.13 -11.21 -2.58
CA VAL A 82 10.61 -10.45 -1.40
C VAL A 82 11.50 -11.34 -0.55
N SER A 83 12.62 -10.83 -0.08
CA SER A 83 13.51 -11.65 0.70
C SER A 83 12.86 -12.17 1.96
N GLN A 84 13.28 -13.36 2.37
CA GLN A 84 12.73 -13.96 3.56
C GLN A 84 12.97 -13.08 4.79
N LYS A 85 14.12 -12.43 4.86
CA LYS A 85 14.50 -11.60 6.01
C LYS A 85 13.47 -10.47 6.15
N SER A 86 13.11 -9.83 5.06
CA SER A 86 12.10 -8.76 5.12
C SER A 86 10.75 -9.29 5.55
N LEU A 87 10.33 -10.42 4.98
CA LEU A 87 9.03 -11.02 5.32
C LEU A 87 9.00 -11.41 6.76
N ASP A 88 10.09 -11.99 7.26
CA ASP A 88 10.13 -12.45 8.67
C ASP A 88 10.10 -11.25 9.63
N LEU A 89 10.84 -10.19 9.33
CA LEU A 89 10.79 -8.99 10.17
C LEU A 89 9.36 -8.43 10.16
N ALA A 90 8.75 -8.33 8.98
CA ALA A 90 7.39 -7.83 8.90
C ALA A 90 6.43 -8.69 9.71
N ASP A 91 6.55 -10.02 9.60
CA ASP A 91 5.70 -10.89 10.39
C ASP A 91 5.88 -10.64 11.89
N GLN A 92 7.10 -10.45 12.32
CA GLN A 92 7.35 -10.18 13.75
C GLN A 92 6.65 -8.91 14.16
N VAL A 93 6.70 -7.87 13.33
CA VAL A 93 6.04 -6.60 13.68
C VAL A 93 4.54 -6.73 13.77
N VAL A 94 3.97 -7.41 12.79
CA VAL A 94 2.49 -7.64 12.78
C VAL A 94 2.05 -8.38 14.03
N GLN A 95 2.76 -9.45 14.39
CA GLN A 95 2.45 -10.19 15.58
C GLN A 95 2.64 -9.43 16.86
N HIS A 96 3.67 -8.62 16.89
CA HIS A 96 3.93 -7.74 18.01
C HIS A 96 2.81 -6.75 18.25
N ILE A 97 2.28 -6.14 17.22
CA ILE A 97 1.16 -5.21 17.36
C ILE A 97 -0.06 -5.94 17.88
N GLY A 98 -0.34 -7.10 17.34
CA GLY A 98 -1.49 -7.87 17.72
C GLY A 98 -2.77 -7.41 17.05
N HIS A 99 -3.78 -8.26 17.10
CA HIS A 99 -5.11 -8.00 16.52
C HIS A 99 -5.07 -7.60 15.06
N LEU A 100 -4.13 -8.17 14.32
CA LEU A 100 -4.01 -7.99 12.91
C LEU A 100 -3.99 -9.29 12.19
N GLU A 101 -4.36 -9.26 10.92
CA GLU A 101 -4.24 -10.43 10.09
C GLU A 101 -2.81 -10.69 9.65
N VAL A 102 -2.44 -11.95 9.56
CA VAL A 102 -1.09 -12.33 9.19
C VAL A 102 -0.61 -11.60 7.93
N ALA A 103 -1.47 -11.54 6.93
CA ALA A 103 -1.12 -10.99 5.65
C ALA A 103 -0.83 -9.50 5.63
N GLU A 104 -0.99 -8.77 6.71
CA GLU A 104 -0.47 -7.44 6.85
C GLU A 104 1.05 -7.47 6.60
N LYS A 105 1.70 -8.61 6.80
CA LYS A 105 3.14 -8.65 6.60
C LYS A 105 3.58 -8.29 5.20
N TYR A 106 2.76 -8.55 4.19
CA TYR A 106 3.25 -8.36 2.80
C TYR A 106 3.57 -6.93 2.46
N VAL A 107 2.61 -6.05 2.64
CA VAL A 107 2.87 -4.64 2.32
C VAL A 107 3.98 -4.09 3.24
N LEU A 108 3.97 -4.47 4.52
CA LEU A 108 5.02 -4.00 5.43
C LEU A 108 6.40 -4.48 5.00
N SER A 109 6.51 -5.69 4.46
CA SER A 109 7.81 -6.21 4.03
C SER A 109 8.51 -5.34 2.99
N ILE A 110 7.75 -4.65 2.17
CA ILE A 110 8.36 -3.80 1.15
C ILE A 110 9.14 -2.65 1.77
N HIS A 111 8.74 -2.15 2.91
CA HIS A 111 9.47 -1.10 3.58
C HIS A 111 10.85 -1.62 3.98
N PHE A 112 10.92 -2.81 4.55
CA PHE A 112 12.19 -3.40 4.92
C PHE A 112 13.01 -3.70 3.66
N GLU A 113 12.39 -4.18 2.59
CA GLU A 113 13.09 -4.51 1.36
C GLU A 113 13.70 -3.24 0.75
N ALA A 114 12.95 -2.15 0.71
CA ALA A 114 13.45 -0.88 0.19
C ALA A 114 14.60 -0.35 1.04
N ALA A 115 14.55 -0.47 2.34
CA ALA A 115 15.60 0.02 3.21
C ALA A 115 16.93 -0.73 3.02
N GLN A 116 16.89 -1.95 2.52
CA GLN A 116 18.07 -2.77 2.21
C GLN A 116 18.53 -2.54 0.78
N ASP A 117 17.85 -1.70 0.04
N ASP A 117 17.80 -1.73 0.04
CA ASP A 117 18.13 -1.49 -1.39
CA ASP A 117 18.05 -1.45 -1.38
C ASP A 117 18.03 -2.80 -2.13
C ASP A 117 17.88 -2.67 -2.26
N LYS A 118 16.97 -3.56 -1.85
CA LYS A 118 16.75 -4.84 -2.52
C LYS A 118 15.59 -4.84 -3.49
N ILE A 119 15.01 -3.67 -3.77
CA ILE A 119 13.95 -3.52 -4.78
C ILE A 119 14.40 -2.69 -6.02
N ASN B 8 -20.10 -2.86 -19.08
CA ASN B 8 -20.87 -4.06 -19.53
C ASN B 8 -20.09 -5.39 -19.39
N VAL B 9 -19.41 -5.56 -18.25
CA VAL B 9 -18.77 -6.84 -17.89
C VAL B 9 -19.37 -7.33 -16.57
N GLU B 10 -19.42 -8.65 -16.36
CA GLU B 10 -20.03 -9.23 -15.14
C GLU B 10 -18.95 -9.40 -14.06
N LEU B 11 -19.04 -8.62 -13.00
CA LEU B 11 -17.95 -8.59 -12.01
C LEU B 11 -18.06 -9.69 -10.92
N PRO B 12 -16.94 -10.18 -10.39
CA PRO B 12 -16.95 -11.17 -9.29
C PRO B 12 -17.71 -10.63 -8.07
N THR B 13 -18.27 -11.54 -7.28
N THR B 13 -18.33 -11.53 -7.29
CA THR B 13 -19.12 -11.12 -6.18
CA THR B 13 -19.15 -11.08 -6.17
C THR B 13 -18.39 -10.20 -5.18
C THR B 13 -18.40 -10.21 -5.15
N GLU B 14 -17.14 -10.52 -4.84
CA GLU B 14 -16.38 -9.72 -3.91
C GLU B 14 -16.06 -8.32 -4.46
N VAL B 15 -15.84 -8.27 -5.75
CA VAL B 15 -15.60 -6.98 -6.45
C VAL B 15 -16.87 -6.14 -6.33
N LYS B 16 -18.04 -6.71 -6.63
CA LYS B 16 -19.28 -5.96 -6.49
C LYS B 16 -19.50 -5.53 -5.05
N ALA B 17 -19.18 -6.38 -4.08
CA ALA B 17 -19.34 -6.02 -2.68
C ALA B 17 -18.43 -4.83 -2.32
N ILE B 19 -17.38 -2.45 -4.30
CA ILE B 19 -18.00 -1.30 -4.98
C ILE B 19 -19.21 -0.79 -4.19
N GLU B 20 -19.99 -1.72 -3.62
N GLU B 20 -20.16 -1.70 -3.93
CA GLU B 20 -21.13 -1.33 -2.76
CA GLU B 20 -21.40 -1.34 -3.24
C GLU B 20 -20.72 -0.70 -1.43
C GLU B 20 -21.12 -0.61 -1.92
N GLN B 21 -19.53 -1.01 -0.94
N GLN B 21 -20.00 -0.92 -1.26
CA GLN B 21 -19.02 -0.45 0.30
CA GLN B 21 -19.68 -0.33 0.03
C GLN B 21 -18.49 0.96 0.05
C GLN B 21 -18.95 1.02 -0.06
N SER B 22 -18.34 1.34 -1.22
CA SER B 22 -17.74 2.63 -1.53
C SER B 22 -18.75 3.78 -1.48
N SER B 23 -18.20 4.99 -1.46
N SER B 23 -18.24 5.00 -1.46
CA SER B 23 -19.01 6.18 -1.40
CA SER B 23 -19.13 6.18 -1.42
C SER B 23 -19.67 6.56 -2.72
C SER B 23 -19.54 6.70 -2.78
N ASP B 24 -19.24 5.95 -3.83
CA ASP B 24 -19.64 6.36 -5.21
C ASP B 24 -19.63 5.07 -6.06
N ALA B 25 -20.65 4.25 -5.87
CA ALA B 25 -20.78 2.96 -6.58
C ALA B 25 -20.91 3.16 -8.08
N GLN B 26 -21.54 4.26 -8.53
CA GLN B 26 -21.59 4.51 -9.97
C GLN B 26 -20.17 4.69 -10.56
N ALA B 27 -19.40 5.60 -9.97
CA ALA B 27 -18.09 5.91 -10.50
C ALA B 27 -17.13 4.74 -10.30
N ALA B 28 -17.24 4.03 -9.18
CA ALA B 28 -16.38 2.87 -8.94
C ALA B 28 -16.66 1.79 -9.95
N THR B 29 -17.92 1.51 -10.26
CA THR B 29 -18.27 0.53 -11.26
C THR B 29 -17.74 0.92 -12.63
N ALA B 30 -17.98 2.16 -13.02
CA ALA B 30 -17.47 2.65 -14.27
C ALA B 30 -15.95 2.53 -14.35
N LEU B 31 -15.28 2.85 -13.26
CA LEU B 31 -13.80 2.84 -13.26
C LEU B 31 -13.26 1.42 -13.41
N VAL B 32 -13.85 0.50 -12.64
CA VAL B 32 -13.40 -0.88 -12.73
C VAL B 32 -13.64 -1.43 -14.15
N ASN B 33 -14.82 -1.15 -14.71
N ASN B 33 -14.79 -1.15 -14.74
CA ASN B 33 -15.14 -1.53 -16.08
CA ASN B 33 -15.03 -1.63 -16.12
C ASN B 33 -14.10 -1.00 -17.07
C ASN B 33 -14.11 -0.98 -17.15
N TYR B 34 -13.77 0.29 -16.93
CA TYR B 34 -12.84 0.99 -17.83
C TYR B 34 -11.46 0.30 -17.79
N VAL B 35 -11.00 -0.01 -16.59
CA VAL B 35 -9.71 -0.64 -16.43
C VAL B 35 -9.66 -2.04 -17.01
N ILE B 36 -10.71 -2.83 -16.78
CA ILE B 36 -10.76 -4.17 -17.32
C ILE B 36 -10.74 -4.09 -18.86
N LYS B 37 -11.50 -3.19 -19.43
CA LYS B 37 -11.54 -3.06 -20.90
C LYS B 37 -10.23 -2.54 -21.48
N LEU B 38 -9.60 -1.59 -20.81
CA LEU B 38 -8.33 -1.05 -21.24
C LEU B 38 -7.26 -2.14 -21.20
N ALA B 39 -7.19 -2.86 -20.12
CA ALA B 39 -6.27 -3.94 -20.00
C ALA B 39 -6.53 -5.02 -21.04
N ALA B 40 -7.79 -5.40 -21.21
CA ALA B 40 -8.13 -6.48 -22.17
C ALA B 40 -7.70 -6.09 -23.59
N ALA B 41 -7.84 -4.81 -23.93
CA ALA B 41 -7.49 -4.29 -25.28
C ALA B 41 -5.97 -4.42 -25.43
N ALA B 42 -5.21 -4.35 -24.35
CA ALA B 42 -3.77 -4.58 -24.30
C ALA B 42 -3.36 -6.04 -24.02
N GLU B 43 -4.31 -6.97 -24.10
CA GLU B 43 -4.06 -8.39 -23.90
C GLU B 43 -3.60 -8.74 -22.49
N ILE B 44 -4.16 -8.02 -21.51
CA ILE B 44 -3.86 -8.24 -20.11
C ILE B 44 -5.21 -8.55 -19.43
N HIS B 45 -5.25 -9.65 -18.70
CA HIS B 45 -6.40 -10.12 -18.01
C HIS B 45 -6.03 -10.39 -16.55
N PHE B 46 -7.03 -10.27 -15.68
CA PHE B 46 -6.88 -10.42 -14.23
C PHE B 46 -7.61 -11.68 -13.77
N THR B 47 -7.00 -12.39 -12.85
CA THR B 47 -7.75 -13.43 -12.16
C THR B 47 -8.73 -12.79 -11.19
N ASP B 48 -9.68 -13.54 -10.61
CA ASP B 48 -10.67 -12.88 -9.70
C ASP B 48 -9.93 -12.26 -8.51
N LEU B 49 -8.92 -12.95 -7.97
CA LEU B 49 -8.11 -12.37 -6.87
C LEU B 49 -7.40 -11.10 -7.26
N GLN B 50 -6.75 -11.12 -8.43
CA GLN B 50 -6.09 -9.91 -8.92
C GLN B 50 -7.09 -8.77 -9.08
N LEU B 51 -8.29 -9.08 -9.56
CA LEU B 51 -9.32 -8.07 -9.77
C LEU B 51 -9.80 -7.50 -8.45
N GLN B 52 -9.93 -8.36 -7.45
CA GLN B 52 -10.30 -7.87 -6.14
C GLN B 52 -9.26 -6.89 -5.59
N VAL B 53 -8.00 -7.23 -5.69
CA VAL B 53 -6.91 -6.40 -5.19
C VAL B 53 -6.84 -5.09 -5.99
N LEU B 54 -6.98 -5.19 -7.28
CA LEU B 54 -7.02 -4.04 -8.16
C LEU B 54 -8.21 -3.11 -7.84
N THR B 55 -9.38 -3.70 -7.65
CA THR B 55 -10.58 -2.96 -7.36
C THR B 55 -10.38 -2.15 -6.09
N ASN B 56 -9.85 -2.73 -5.03
CA ASN B 56 -9.66 -1.98 -3.82
C ASN B 56 -8.71 -0.81 -4.06
N HIS B 57 -7.64 -1.03 -4.83
CA HIS B 57 -6.71 0.07 -5.16
C HIS B 57 -7.43 1.19 -5.93
N LEU B 58 -8.20 0.78 -6.94
CA LEU B 58 -8.90 1.78 -7.74
C LEU B 58 -9.91 2.57 -6.95
N ILE B 59 -10.62 1.93 -6.04
CA ILE B 59 -11.58 2.63 -5.19
C ILE B 59 -10.90 3.66 -4.29
N GLU B 60 -9.73 3.31 -3.77
N GLU B 60 -9.77 3.26 -3.71
CA GLU B 60 -9.01 4.26 -2.95
CA GLU B 60 -8.99 4.15 -2.85
C GLU B 60 -8.38 5.37 -3.83
C GLU B 60 -8.54 5.38 -3.62
N LEU B 62 -9.79 6.56 -6.54
CA LEU B 62 -10.94 7.39 -6.84
C LEU B 62 -11.24 8.26 -5.63
N GLY B 63 -11.20 7.67 -4.44
CA GLY B 63 -11.40 8.44 -3.23
C GLY B 63 -10.45 9.64 -3.11
N ARG B 64 -9.16 9.43 -3.40
CA ARG B 64 -8.17 10.51 -3.35
C ARG B 64 -8.40 11.57 -4.41
N SER B 65 -8.90 11.15 -5.60
N SER B 65 -8.83 11.14 -5.59
CA SER B 65 -9.20 12.09 -6.68
CA SER B 65 -9.15 12.08 -6.63
C SER B 65 -10.35 13.02 -6.30
C SER B 65 -10.20 13.07 -6.12
N LYS B 66 -11.21 12.56 -5.40
CA LYS B 66 -12.29 13.37 -4.91
C LYS B 66 -11.90 14.18 -3.69
N SER B 67 -11.18 13.58 -2.74
CA SER B 67 -10.91 14.25 -1.47
C SER B 67 -9.77 15.21 -1.58
N GLY B 68 -8.78 14.96 -2.45
CA GLY B 68 -7.56 15.70 -2.51
C GLY B 68 -6.46 15.12 -1.63
N GLU B 69 -6.74 14.06 -0.88
N GLU B 69 -6.74 14.06 -0.88
CA GLU B 69 -5.73 13.39 -0.04
CA GLU B 69 -5.73 13.39 -0.05
C GLU B 69 -4.63 12.82 -0.92
C GLU B 69 -4.62 12.82 -0.92
N GLN B 70 -3.41 12.85 -0.39
CA GLN B 70 -2.25 12.30 -1.07
C GLN B 70 -1.58 11.25 -0.16
N LEU B 71 -1.06 10.23 -0.81
CA LEU B 71 -0.22 9.25 -0.09
C LEU B 71 1.19 9.79 0.07
N PRO B 72 1.98 9.18 0.99
CA PRO B 72 3.37 9.59 1.08
C PRO B 72 4.10 9.37 -0.23
N ALA B 73 5.11 10.18 -0.49
CA ALA B 73 5.83 10.08 -1.76
C ALA B 73 6.50 8.74 -1.94
N VAL B 74 6.43 8.18 -3.16
CA VAL B 74 7.11 6.94 -3.49
C VAL B 74 8.46 7.30 -4.07
N ASP B 75 9.37 6.35 -4.03
CA ASP B 75 10.69 6.52 -4.61
C ASP B 75 10.58 5.91 -6.02
N PRO B 76 10.58 6.77 -7.05
CA PRO B 76 10.41 6.21 -8.37
C PRO B 76 11.45 5.26 -8.85
N THR B 77 12.66 5.33 -8.27
CA THR B 77 13.71 4.41 -8.68
C THR B 77 13.37 2.97 -8.39
N PHE B 79 10.77 1.56 -9.11
CA PHE B 79 9.95 1.09 -10.22
C PHE B 79 10.68 1.00 -11.55
N ALA B 80 12.02 1.07 -11.49
CA ALA B 80 12.88 1.03 -12.66
C ALA B 80 12.74 -0.26 -13.48
N GLU B 81 12.37 -1.39 -12.88
CA GLU B 81 12.26 -2.62 -13.60
C GLU B 81 10.85 -2.89 -14.16
N VAL B 82 9.90 -1.98 -13.90
CA VAL B 82 8.54 -2.21 -14.41
C VAL B 82 8.48 -1.96 -15.91
N SER B 83 7.84 -2.82 -16.67
CA SER B 83 7.74 -2.62 -18.08
C SER B 83 7.08 -1.31 -18.47
N GLN B 84 7.49 -0.80 -19.61
CA GLN B 84 6.93 0.49 -20.07
C GLN B 84 5.43 0.32 -20.35
N LYS B 85 5.02 -0.82 -20.86
CA LYS B 85 3.61 -1.08 -21.14
C LYS B 85 2.78 -0.95 -19.85
N SER B 86 3.23 -1.51 -18.76
CA SER B 86 2.49 -1.40 -17.53
C SER B 86 2.46 0.03 -17.02
N LEU B 87 3.60 0.74 -17.05
CA LEU B 87 3.65 2.14 -16.63
C LEU B 87 2.73 2.99 -17.48
N ASP B 88 2.73 2.76 -18.77
CA ASP B 88 1.91 3.57 -19.68
C ASP B 88 0.43 3.34 -19.42
N LEU B 89 0.03 2.09 -19.21
CA LEU B 89 -1.36 1.78 -18.88
C LEU B 89 -1.74 2.45 -17.57
N ALA B 90 -0.86 2.38 -16.57
CA ALA B 90 -1.15 3.00 -15.29
C ALA B 90 -1.29 4.51 -15.42
N ASP B 91 -0.40 5.11 -16.19
CA ASP B 91 -0.47 6.55 -16.40
C ASP B 91 -1.80 6.90 -17.07
N GLN B 92 -2.25 6.10 -18.01
N GLN B 92 -2.23 6.12 -18.06
CA GLN B 92 -3.50 6.40 -18.70
CA GLN B 92 -3.51 6.37 -18.71
C GLN B 92 -4.71 6.34 -17.77
C GLN B 92 -4.64 6.40 -17.70
N VAL B 93 -4.67 5.40 -16.84
CA VAL B 93 -5.76 5.28 -15.81
C VAL B 93 -5.73 6.49 -14.86
N VAL B 94 -4.56 6.85 -14.37
CA VAL B 94 -4.44 8.01 -13.46
C VAL B 94 -4.98 9.23 -14.13
N GLN B 95 -4.58 9.50 -15.37
CA GLN B 95 -4.99 10.69 -16.05
C GLN B 95 -6.47 10.64 -16.42
N HIS B 96 -7.02 9.47 -16.71
CA HIS B 96 -8.43 9.28 -16.95
C HIS B 96 -9.25 9.68 -15.71
N ILE B 97 -8.84 9.22 -14.55
CA ILE B 97 -9.57 9.55 -13.30
C ILE B 97 -9.47 11.05 -13.07
N GLY B 98 -8.30 11.64 -13.22
CA GLY B 98 -8.12 13.04 -13.01
C GLY B 98 -7.93 13.38 -11.55
N HIS B 99 -7.44 14.59 -11.33
CA HIS B 99 -7.24 15.17 -10.00
C HIS B 99 -6.35 14.32 -9.09
N LEU B 100 -5.38 13.64 -9.67
CA LEU B 100 -4.43 12.81 -8.90
C LEU B 100 -3.00 13.29 -9.13
N GLU B 101 -2.13 12.95 -8.20
CA GLU B 101 -0.70 13.12 -8.40
C GLU B 101 -0.23 12.20 -9.57
N VAL B 102 0.64 12.73 -10.43
CA VAL B 102 1.17 11.92 -11.51
C VAL B 102 1.78 10.62 -11.04
N ALA B 103 2.48 10.67 -9.89
CA ALA B 103 3.15 9.50 -9.34
C ALA B 103 2.21 8.39 -8.84
N GLU B 104 0.91 8.58 -8.84
CA GLU B 104 -0.01 7.49 -8.56
C GLU B 104 0.18 6.38 -9.59
N LYS B 105 0.81 6.63 -10.73
CA LYS B 105 1.02 5.58 -11.74
C LYS B 105 1.89 4.45 -11.25
N TYR B 106 2.83 4.72 -10.33
CA TYR B 106 3.84 3.73 -10.00
C TYR B 106 3.26 2.49 -9.33
N VAL B 107 2.56 2.67 -8.21
CA VAL B 107 2.00 1.48 -7.50
C VAL B 107 0.95 0.79 -8.39
N LEU B 108 0.16 1.57 -9.13
CA LEU B 108 -0.83 0.96 -10.03
C LEU B 108 -0.19 0.09 -11.09
N SER B 109 0.96 0.52 -11.60
CA SER B 109 1.66 -0.24 -12.62
C SER B 109 2.02 -1.66 -12.16
N ILE B 110 2.23 -1.85 -10.85
CA ILE B 110 2.58 -3.15 -10.33
C ILE B 110 1.44 -4.13 -10.51
N HIS B 111 0.21 -3.62 -10.43
CA HIS B 111 -0.94 -4.49 -10.68
C HIS B 111 -0.96 -4.96 -12.10
N PHE B 112 -0.71 -4.06 -13.03
N PHE B 112 -0.64 -4.09 -13.04
CA PHE B 112 -0.64 -4.48 -14.44
CA PHE B 112 -0.55 -4.55 -14.42
C PHE B 112 0.46 -5.50 -14.66
C PHE B 112 0.65 -5.44 -14.71
N GLU B 113 1.61 -5.24 -14.07
N GLU B 113 1.73 -5.22 -13.99
CA GLU B 113 2.78 -6.08 -14.26
CA GLU B 113 2.90 -6.09 -14.08
C GLU B 113 2.55 -7.48 -13.65
C GLU B 113 2.52 -7.48 -13.66
N ALA B 114 1.89 -7.55 -12.50
CA ALA B 114 1.54 -8.84 -11.88
C ALA B 114 0.60 -9.63 -12.78
N ALA B 115 -0.33 -8.96 -13.43
CA ALA B 115 -1.33 -9.63 -14.23
C ALA B 115 -0.68 -10.20 -15.49
N GLN B 116 0.51 -9.73 -15.84
CA GLN B 116 1.29 -10.23 -16.96
C GLN B 116 2.34 -11.24 -16.51
N ASP B 117 2.30 -11.60 -15.25
CA ASP B 117 3.33 -12.48 -14.67
C ASP B 117 4.74 -11.90 -14.81
N LYS B 118 4.90 -10.58 -14.68
CA LYS B 118 6.22 -9.97 -14.87
C LYS B 118 6.88 -9.47 -13.60
N ILE B 119 6.29 -9.73 -12.44
CA ILE B 119 6.95 -9.31 -11.19
C ILE B 119 8.02 -10.38 -10.89
#